data_6FSB
#
_entry.id   6FSB
#
_cell.length_a   37.980
_cell.length_b   61.450
_cell.length_c   92.630
_cell.angle_alpha   90.00
_cell.angle_beta   95.47
_cell.angle_gamma   90.00
#
_symmetry.space_group_name_H-M   'P 1 21 1'
#
loop_
_entity.id
_entity.type
_entity.pdbx_description
1 polymer 'Polymerase acidic protein'
2 non-polymer 'MANGANESE (II) ION'
3 non-polymer 'MAGNESIUM ION'
4 water water
#
_entity_poly.entity_id   1
_entity_poly.type   'polypeptide(L)'
_entity_poly.pdbx_seq_one_letter_code
;GAMGSGMAMDTFITRNFQTTIIQKAKNTMAEFSEDPELQPAMLFNTCVHLEVCYVISDMNFLDEEGKSYTALEGQGKEQN
LRPQYEVIEGMPRTIAWMVQRSLAQEHGIETPKYLADLFDYKTKRFIEVGITKGLADDYFWKKKEKLGNSMELMIFSYNQ
DYSLSNESSLDEEGKGRVLSRLTELQAELSLKNLWQVLIGEEDVE
;
_entity_poly.pdbx_strand_id   A,B
#
# COMPACT_ATOMS: atom_id res chain seq x y z
N ALA A 2 14.92 -33.72 15.17
CA ALA A 2 15.52 -32.49 14.55
C ALA A 2 16.12 -32.82 13.19
N MET A 3 16.94 -33.88 13.15
CA MET A 3 17.33 -34.46 11.90
C MET A 3 16.18 -35.20 11.22
N GLY A 4 15.18 -35.61 12.01
CA GLY A 4 13.97 -36.20 11.48
C GLY A 4 12.94 -35.16 11.11
N SER A 5 13.36 -33.90 11.00
CA SER A 5 12.38 -32.85 10.69
C SER A 5 11.93 -32.94 9.24
N GLY A 6 12.81 -33.42 8.36
CA GLY A 6 12.43 -33.61 6.99
C GLY A 6 11.32 -34.63 6.84
N MET A 7 11.52 -35.81 7.42
CA MET A 7 10.51 -36.86 7.36
C MET A 7 9.23 -36.43 8.05
N ALA A 8 9.35 -35.72 9.18
CA ALA A 8 8.17 -35.23 9.91
C ALA A 8 7.39 -34.24 9.06
N MET A 9 8.09 -33.40 8.29
CA MET A 9 7.39 -32.46 7.42
C MET A 9 6.83 -33.18 6.20
N ASP A 10 7.57 -34.13 5.63
CA ASP A 10 7.02 -34.95 4.56
C ASP A 10 5.71 -35.60 4.98
N THR A 11 5.67 -36.23 6.16
N THR A 11 5.71 -36.23 6.16
CA THR A 11 4.43 -36.90 6.57
CA THR A 11 4.51 -36.89 6.67
C THR A 11 3.35 -35.88 6.93
C THR A 11 3.38 -35.90 6.94
N PHE A 12 3.73 -34.74 7.49
CA PHE A 12 2.76 -33.68 7.75
C PHE A 12 2.07 -33.28 6.47
N ILE A 13 2.87 -33.07 5.44
CA ILE A 13 2.33 -32.69 4.15
C ILE A 13 1.32 -33.71 3.69
N THR A 14 1.69 -35.02 3.74
CA THR A 14 0.77 -36.06 3.28
C THR A 14 -0.54 -36.06 4.06
N ARG A 15 -0.49 -35.76 5.37
CA ARG A 15 -1.67 -35.80 6.22
C ARG A 15 -2.52 -34.53 6.16
N ASN A 16 -2.07 -33.46 5.48
CA ASN A 16 -2.72 -32.15 5.60
C ASN A 16 -3.08 -31.51 4.25
N PHE A 17 -2.76 -32.16 3.13
CA PHE A 17 -3.05 -31.62 1.81
C PHE A 17 -3.51 -32.72 0.84
N GLN A 18 -4.31 -32.29 -0.13
N GLN A 18 -4.35 -32.34 -0.13
CA GLN A 18 -4.87 -33.14 -1.16
CA GLN A 18 -4.81 -33.28 -1.14
C GLN A 18 -3.77 -33.64 -2.11
C GLN A 18 -3.66 -33.79 -2.00
N THR A 19 -3.85 -34.91 -2.51
N THR A 19 -3.80 -35.01 -2.54
CA THR A 19 -2.81 -35.49 -3.34
CA THR A 19 -2.76 -35.54 -3.40
C THR A 19 -2.48 -34.58 -4.53
C THR A 19 -2.46 -34.60 -4.56
N THR A 20 -3.50 -34.02 -5.16
CA THR A 20 -3.33 -33.15 -6.32
C THR A 20 -2.43 -31.96 -6.02
N ILE A 21 -2.67 -31.28 -4.88
CA ILE A 21 -1.83 -30.16 -4.45
C ILE A 21 -0.39 -30.62 -4.30
N ILE A 22 -0.19 -31.77 -3.66
CA ILE A 22 1.16 -32.20 -3.36
C ILE A 22 1.95 -32.49 -4.64
N GLN A 23 1.33 -33.17 -5.60
CA GLN A 23 2.07 -33.61 -6.78
C GLN A 23 2.61 -32.40 -7.56
N LYS A 24 1.79 -31.38 -7.75
CA LYS A 24 2.24 -30.15 -8.40
C LYS A 24 3.46 -29.54 -7.72
N ALA A 25 3.42 -29.45 -6.39
CA ALA A 25 4.50 -28.79 -5.68
C ALA A 25 5.78 -29.58 -5.81
N LYS A 26 5.68 -30.91 -5.79
CA LYS A 26 6.84 -31.75 -5.95
C LYS A 26 7.47 -31.51 -7.31
N ASN A 27 6.62 -31.27 -8.31
CA ASN A 27 7.07 -31.14 -9.69
C ASN A 27 7.81 -29.83 -9.88
N THR A 28 7.33 -28.77 -9.24
CA THR A 28 7.98 -27.47 -9.37
C THR A 28 9.33 -27.47 -8.66
N MET A 29 9.42 -28.10 -7.49
CA MET A 29 10.72 -28.20 -6.83
C MET A 29 11.73 -28.95 -7.69
N ALA A 30 11.33 -30.09 -8.26
CA ALA A 30 12.24 -30.85 -9.13
C ALA A 30 12.60 -30.10 -10.40
N GLU A 31 11.80 -29.09 -10.79
CA GLU A 31 12.20 -28.23 -11.89
C GLU A 31 13.37 -27.35 -11.49
N PHE A 32 13.41 -26.90 -10.23
CA PHE A 32 14.53 -26.15 -9.71
C PHE A 32 15.68 -27.06 -9.28
N SER A 33 15.61 -28.36 -9.60
CA SER A 33 16.61 -29.34 -9.17
C SER A 33 16.71 -29.34 -7.63
N GLU A 34 15.55 -29.28 -6.99
CA GLU A 34 15.46 -29.28 -5.54
C GLU A 34 14.77 -30.56 -5.11
N ASP A 35 15.44 -31.34 -4.27
CA ASP A 35 14.92 -32.58 -3.72
C ASP A 35 13.93 -32.24 -2.62
N PRO A 36 12.63 -32.50 -2.81
CA PRO A 36 11.68 -32.25 -1.70
C PRO A 36 12.05 -32.96 -0.40
N GLU A 37 12.70 -34.12 -0.49
CA GLU A 37 13.10 -34.84 0.72
C GLU A 37 14.17 -34.09 1.49
N LEU A 38 15.04 -33.33 0.79
CA LEU A 38 16.07 -32.54 1.45
C LEU A 38 15.63 -31.09 1.72
N GLN A 39 14.58 -30.61 1.07
CA GLN A 39 14.05 -29.25 1.30
C GLN A 39 12.56 -29.32 1.63
N PRO A 40 12.24 -29.82 2.83
CA PRO A 40 10.82 -30.00 3.17
C PRO A 40 10.11 -28.68 3.40
N ALA A 41 10.80 -27.69 3.98
CA ALA A 41 10.19 -26.37 4.18
C ALA A 41 9.73 -25.79 2.85
N MET A 42 10.54 -25.96 1.81
CA MET A 42 10.15 -25.43 0.50
C MET A 42 8.91 -26.13 -0.02
N LEU A 43 8.82 -27.45 0.16
CA LEU A 43 7.64 -28.18 -0.30
C LEU A 43 6.36 -27.72 0.42
N PHE A 44 6.45 -27.52 1.74
CA PHE A 44 5.30 -27.07 2.51
C PHE A 44 4.82 -25.70 2.00
N ASN A 45 5.75 -24.76 1.89
CA ASN A 45 5.41 -23.42 1.41
C ASN A 45 4.74 -23.48 0.05
N THR A 46 5.24 -24.32 -0.85
CA THR A 46 4.62 -24.41 -2.16
C THR A 46 3.21 -24.95 -2.06
N CYS A 47 3.00 -25.98 -1.20
CA CYS A 47 1.67 -26.53 -1.04
C CYS A 47 0.67 -25.47 -0.54
N VAL A 48 1.05 -24.73 0.48
CA VAL A 48 0.14 -23.73 1.05
C VAL A 48 -0.20 -22.67 0.01
N HIS A 49 0.84 -22.14 -0.61
CA HIS A 49 0.68 -21.14 -1.67
C HIS A 49 -0.29 -21.63 -2.73
N LEU A 50 -0.11 -22.87 -3.18
CA LEU A 50 -0.99 -23.37 -4.23
C LEU A 50 -2.40 -23.52 -3.72
N GLU A 51 -2.55 -24.06 -2.52
CA GLU A 51 -3.88 -24.22 -1.95
C GLU A 51 -4.61 -22.87 -1.83
N VAL A 52 -3.91 -21.83 -1.41
CA VAL A 52 -4.54 -20.51 -1.29
C VAL A 52 -5.00 -19.99 -2.66
N CYS A 53 -4.14 -20.10 -3.66
CA CYS A 53 -4.55 -19.69 -5.02
C CYS A 53 -5.84 -20.39 -5.44
N TYR A 54 -5.94 -21.70 -5.21
CA TYR A 54 -7.18 -22.39 -5.57
C TYR A 54 -8.35 -21.93 -4.71
N VAL A 55 -8.10 -21.62 -3.45
CA VAL A 55 -9.17 -21.11 -2.61
C VAL A 55 -9.67 -19.77 -3.13
N ILE A 56 -8.78 -18.96 -3.68
CA ILE A 56 -9.21 -17.69 -4.25
C ILE A 56 -9.90 -17.90 -5.60
N SER A 57 -9.45 -18.85 -6.40
CA SER A 57 -9.95 -18.92 -7.78
C SER A 57 -11.30 -19.61 -7.91
N ASP A 58 -11.57 -20.60 -7.07
CA ASP A 58 -12.80 -21.38 -7.17
C ASP A 58 -13.99 -20.66 -6.55
N MET A 59 -13.76 -19.53 -5.86
CA MET A 59 -14.84 -18.89 -5.11
C MET A 59 -15.93 -18.33 -6.02
N ASN A 60 -15.58 -17.77 -7.18
CA ASN A 60 -16.59 -17.28 -8.11
C ASN A 60 -16.25 -17.68 -9.55
N PHE A 61 -17.28 -17.64 -10.42
CA PHE A 61 -17.24 -17.93 -11.85
C PHE A 61 -17.74 -16.73 -12.66
N LEU A 62 -17.52 -16.74 -13.97
CA LEU A 62 -17.75 -15.54 -14.77
C LEU A 62 -18.39 -15.86 -16.11
N ASP A 63 -19.29 -14.98 -16.57
CA ASP A 63 -20.04 -15.13 -17.81
C ASP A 63 -19.56 -14.14 -18.86
N GLU A 64 -20.22 -14.18 -20.03
CA GLU A 64 -19.75 -13.45 -21.21
C GLU A 64 -19.60 -11.97 -20.92
N GLU A 65 -20.60 -11.37 -20.30
CA GLU A 65 -20.62 -9.93 -20.11
C GLU A 65 -19.82 -9.49 -18.89
N GLY A 66 -19.08 -10.38 -18.24
CA GLY A 66 -18.29 -9.98 -17.10
C GLY A 66 -19.03 -9.96 -15.78
N LYS A 67 -20.11 -10.72 -15.64
CA LYS A 67 -20.85 -10.83 -14.40
C LYS A 67 -20.39 -12.07 -13.65
N SER A 68 -20.27 -11.97 -12.34
CA SER A 68 -19.75 -13.07 -11.57
C SER A 68 -20.85 -13.80 -10.83
N TYR A 69 -20.60 -15.09 -10.64
CA TYR A 69 -21.49 -16.02 -9.98
C TYR A 69 -20.66 -16.88 -9.03
N THR A 70 -21.29 -17.35 -7.97
CA THR A 70 -20.70 -18.45 -7.21
C THR A 70 -20.95 -19.75 -7.98
N ALA A 71 -20.30 -20.81 -7.53
CA ALA A 71 -20.46 -22.10 -8.18
C ALA A 71 -21.93 -22.53 -8.15
N LEU A 72 -22.57 -22.39 -6.99
CA LEU A 72 -23.98 -22.72 -6.86
C LEU A 72 -24.83 -21.82 -7.76
N GLU A 73 -24.61 -20.50 -7.72
CA GLU A 73 -25.42 -19.59 -8.53
C GLU A 73 -25.32 -19.89 -10.03
N GLY A 74 -24.15 -20.30 -10.51
CA GLY A 74 -23.88 -20.41 -11.93
C GLY A 74 -24.21 -21.74 -12.56
N GLN A 75 -24.44 -22.75 -11.74
CA GLN A 75 -24.55 -24.12 -12.22
C GLN A 75 -25.76 -24.31 -13.12
N GLY A 76 -25.52 -24.90 -14.29
CA GLY A 76 -26.58 -25.24 -15.21
C GLY A 76 -26.93 -24.15 -16.18
N LYS A 77 -26.27 -23.00 -16.12
CA LYS A 77 -26.78 -21.87 -16.89
C LYS A 77 -26.46 -22.01 -18.37
N GLU A 78 -25.32 -22.63 -18.70
CA GLU A 78 -24.87 -22.79 -20.08
C GLU A 78 -24.73 -21.43 -20.79
N ARG A 82 -16.54 -19.53 -16.78
CA ARG A 82 -15.27 -20.15 -16.38
C ARG A 82 -14.92 -19.64 -15.01
N PRO A 83 -13.96 -20.26 -14.33
CA PRO A 83 -13.52 -19.70 -13.06
C PRO A 83 -13.12 -18.26 -13.32
N GLN A 84 -13.48 -17.38 -12.38
CA GLN A 84 -13.14 -15.99 -12.56
C GLN A 84 -11.66 -15.85 -12.86
N TYR A 85 -10.84 -16.77 -12.35
CA TYR A 85 -9.39 -16.67 -12.45
C TYR A 85 -8.79 -17.82 -13.26
N GLU A 86 -7.73 -17.51 -14.00
CA GLU A 86 -6.79 -18.51 -14.49
C GLU A 86 -5.74 -18.70 -13.41
N VAL A 87 -5.47 -19.95 -13.02
CA VAL A 87 -4.46 -20.24 -12.00
C VAL A 87 -3.17 -20.55 -12.73
N ILE A 88 -2.19 -19.68 -12.56
CA ILE A 88 -0.89 -19.84 -13.23
C ILE A 88 0.03 -20.69 -12.38
N GLU A 89 -0.06 -20.59 -11.06
CA GLU A 89 0.67 -21.47 -10.15
C GLU A 89 0.16 -22.91 -10.31
N GLY A 90 1.01 -23.86 -9.94
CA GLY A 90 0.55 -25.24 -10.03
C GLY A 90 0.84 -25.93 -11.34
N MET A 91 1.56 -25.30 -12.23
CA MET A 91 2.02 -26.01 -13.41
C MET A 91 3.51 -25.77 -13.58
N PRO A 92 4.20 -26.64 -14.31
CA PRO A 92 5.59 -26.40 -14.65
C PRO A 92 5.82 -24.99 -15.15
N ARG A 93 6.96 -24.42 -14.78
CA ARG A 93 7.19 -23.00 -15.03
C ARG A 93 7.22 -22.66 -16.51
N THR A 94 7.73 -23.54 -17.40
CA THR A 94 7.68 -23.25 -18.83
C THR A 94 6.24 -23.12 -19.34
N ILE A 95 5.35 -23.98 -18.88
CA ILE A 95 3.94 -23.91 -19.26
C ILE A 95 3.30 -22.68 -18.61
N ALA A 96 3.64 -22.41 -17.34
CA ALA A 96 3.20 -21.16 -16.67
C ALA A 96 3.49 -19.90 -17.46
N TRP A 97 4.72 -19.75 -17.94
CA TRP A 97 5.09 -18.58 -18.72
C TRP A 97 4.36 -18.53 -20.07
N MET A 98 4.18 -19.69 -20.71
CA MET A 98 3.32 -19.72 -21.90
C MET A 98 1.93 -19.16 -21.62
N VAL A 99 1.30 -19.58 -20.52
CA VAL A 99 -0.02 -19.10 -20.13
C VAL A 99 -0.03 -17.61 -19.88
N GLN A 100 0.95 -17.10 -19.09
CA GLN A 100 0.94 -15.66 -18.81
C GLN A 100 1.07 -14.84 -20.09
N ARG A 101 1.96 -15.26 -20.99
CA ARG A 101 2.16 -14.51 -22.23
C ARG A 101 0.94 -14.57 -23.10
N SER A 102 0.27 -15.76 -23.19
CA SER A 102 -0.96 -15.87 -23.98
C SER A 102 -2.05 -14.98 -23.40
N LEU A 103 -2.20 -14.97 -22.09
CA LEU A 103 -3.24 -14.15 -21.47
C LEU A 103 -3.03 -12.66 -21.74
N ALA A 104 -1.78 -12.21 -21.68
CA ALA A 104 -1.49 -10.80 -21.94
C ALA A 104 -1.79 -10.46 -23.40
N GLN A 105 -1.36 -11.34 -24.29
CA GLN A 105 -1.56 -11.10 -25.72
C GLN A 105 -3.03 -11.07 -26.07
N GLU A 106 -3.81 -12.02 -25.54
CA GLU A 106 -5.23 -12.12 -25.83
C GLU A 106 -5.98 -10.85 -25.43
N HIS A 107 -5.56 -10.22 -24.36
CA HIS A 107 -6.30 -9.09 -23.80
C HIS A 107 -5.69 -7.74 -24.12
N GLY A 108 -4.64 -7.70 -24.94
CA GLY A 108 -3.94 -6.49 -25.31
C GLY A 108 -3.35 -5.72 -24.15
N ILE A 109 -2.72 -6.41 -23.22
CA ILE A 109 -2.17 -5.79 -22.03
C ILE A 109 -0.69 -6.14 -21.95
N GLU A 110 0.01 -5.49 -21.02
CA GLU A 110 1.44 -5.72 -20.92
C GLU A 110 1.65 -7.08 -20.26
N THR A 111 2.78 -7.70 -20.56
CA THR A 111 3.16 -8.94 -19.93
C THR A 111 4.10 -8.61 -18.78
N PRO A 112 3.74 -8.96 -17.55
CA PRO A 112 4.61 -8.63 -16.42
C PRO A 112 5.96 -9.29 -16.52
N LYS A 113 6.95 -8.62 -15.94
CA LYS A 113 8.31 -9.13 -15.92
C LYS A 113 8.44 -10.42 -15.12
N TYR A 114 7.72 -10.47 -14.01
CA TYR A 114 7.74 -11.61 -13.12
C TYR A 114 6.49 -12.47 -13.35
N LEU A 115 6.63 -13.74 -12.95
CA LEU A 115 5.56 -14.71 -13.11
C LEU A 115 4.48 -14.52 -12.05
N ALA A 116 3.23 -14.29 -12.50
CA ALA A 116 2.07 -14.16 -11.64
C ALA A 116 1.60 -15.50 -11.11
N ASP A 117 0.77 -15.44 -10.06
CA ASP A 117 0.02 -16.59 -9.54
C ASP A 117 -1.36 -16.80 -10.15
N LEU A 118 -2.11 -15.72 -10.40
CA LEU A 118 -3.45 -15.81 -10.96
C LEU A 118 -3.60 -14.73 -12.04
N PHE A 119 -4.62 -14.91 -12.86
CA PHE A 119 -5.13 -13.86 -13.74
C PHE A 119 -6.64 -13.71 -13.55
N ASP A 120 -7.07 -12.50 -13.29
CA ASP A 120 -8.48 -12.19 -13.06
C ASP A 120 -9.11 -11.76 -14.37
N TYR A 121 -9.98 -12.60 -14.92
CA TYR A 121 -10.65 -12.29 -16.18
C TYR A 121 -11.63 -11.13 -16.03
N LYS A 122 -12.08 -10.85 -14.82
CA LYS A 122 -13.02 -9.73 -14.63
C LYS A 122 -12.32 -8.38 -14.82
N THR A 123 -11.23 -8.15 -14.12
CA THR A 123 -10.51 -6.89 -14.21
C THR A 123 -9.38 -6.90 -15.22
N LYS A 124 -9.07 -8.06 -15.81
CA LYS A 124 -7.95 -8.21 -16.74
C LYS A 124 -6.62 -7.84 -16.08
N ARG A 125 -6.42 -8.33 -14.87
CA ARG A 125 -5.20 -8.09 -14.14
C ARG A 125 -4.58 -9.39 -13.63
N PHE A 126 -3.26 -9.41 -13.66
CA PHE A 126 -2.48 -10.46 -13.00
C PHE A 126 -2.39 -10.18 -11.49
N ILE A 127 -2.28 -11.27 -10.74
N ILE A 127 -2.30 -11.27 -10.73
CA ILE A 127 -2.31 -11.27 -9.29
CA ILE A 127 -2.31 -11.23 -9.27
C ILE A 127 -1.08 -12.03 -8.78
C ILE A 127 -1.14 -12.05 -8.73
N GLU A 128 -0.46 -11.50 -7.74
CA GLU A 128 0.60 -12.21 -7.00
C GLU A 128 0.07 -12.48 -5.60
N VAL A 129 0.24 -13.73 -5.11
CA VAL A 129 -0.22 -14.15 -3.79
C VAL A 129 1.04 -14.38 -2.95
N GLY A 130 1.02 -14.01 -1.68
CA GLY A 130 2.13 -14.28 -0.79
C GLY A 130 1.63 -14.63 0.58
N ILE A 131 2.36 -15.53 1.24
CA ILE A 131 2.01 -16.05 2.54
C ILE A 131 3.27 -15.87 3.39
N THR A 132 3.16 -15.16 4.51
CA THR A 132 4.32 -14.85 5.32
C THR A 132 4.10 -15.30 6.76
N LYS A 133 5.18 -15.78 7.36
CA LYS A 133 5.19 -16.04 8.79
C LYS A 133 5.31 -14.74 9.59
N GLY A 134 5.64 -13.65 8.92
CA GLY A 134 5.86 -12.35 9.51
C GLY A 134 4.67 -11.43 9.31
N LEU A 135 4.94 -10.13 9.25
CA LEU A 135 3.89 -9.16 9.05
C LEU A 135 3.54 -9.09 7.56
N ALA A 136 2.24 -9.09 7.28
CA ALA A 136 1.80 -9.02 5.89
C ALA A 136 2.21 -7.70 5.25
N ASP A 137 2.09 -6.61 6.00
CA ASP A 137 2.39 -5.30 5.40
C ASP A 137 3.84 -5.23 4.99
N ASP A 138 4.74 -5.78 5.79
CA ASP A 138 6.15 -5.78 5.41
C ASP A 138 6.36 -6.52 4.11
N TYR A 139 5.79 -7.70 3.98
CA TYR A 139 5.99 -8.51 2.79
C TYR A 139 5.40 -7.84 1.56
N PHE A 140 4.23 -7.21 1.75
CA PHE A 140 3.54 -6.48 0.70
C PHE A 140 4.45 -5.45 0.06
N TRP A 141 5.08 -4.62 0.89
CA TRP A 141 5.92 -3.55 0.33
C TRP A 141 7.24 -4.09 -0.20
N LYS A 142 7.73 -5.19 0.35
CA LYS A 142 8.88 -5.88 -0.27
C LYS A 142 8.56 -6.35 -1.69
N LYS A 143 7.37 -6.96 -1.90
CA LYS A 143 6.96 -7.36 -3.25
C LYS A 143 6.72 -6.16 -4.15
N LYS A 144 6.15 -5.08 -3.58
CA LYS A 144 5.89 -3.87 -4.36
C LYS A 144 7.15 -3.29 -4.97
N GLU A 145 8.27 -3.36 -4.22
CA GLU A 145 9.56 -2.92 -4.74
C GLU A 145 9.88 -3.50 -6.11
N LYS A 146 9.76 -4.83 -6.25
CA LYS A 146 10.02 -5.50 -7.51
C LYS A 146 8.88 -5.39 -8.51
N LEU A 147 7.62 -5.53 -8.04
CA LEU A 147 6.49 -5.66 -8.97
C LEU A 147 5.96 -4.33 -9.46
N GLY A 148 6.10 -3.28 -8.65
CA GLY A 148 5.54 -1.99 -9.05
C GLY A 148 4.03 -2.06 -9.15
N ASN A 149 3.47 -1.52 -10.24
CA ASN A 149 2.05 -1.61 -10.52
C ASN A 149 1.72 -2.68 -11.57
N SER A 150 2.63 -3.62 -11.82
CA SER A 150 2.42 -4.64 -12.85
C SER A 150 1.36 -5.66 -12.49
N MET A 151 1.08 -5.85 -11.20
CA MET A 151 0.13 -6.83 -10.72
C MET A 151 -0.57 -6.33 -9.46
N GLU A 152 -1.74 -6.90 -9.16
CA GLU A 152 -2.37 -6.78 -7.84
C GLU A 152 -1.67 -7.72 -6.90
N LEU A 153 -1.77 -7.44 -5.61
N LEU A 153 -1.72 -7.42 -5.61
CA LEU A 153 -1.12 -8.22 -4.56
CA LEU A 153 -1.09 -8.24 -4.57
C LEU A 153 -2.14 -8.67 -3.55
C LEU A 153 -2.13 -8.68 -3.56
N MET A 154 -2.03 -9.93 -3.12
CA MET A 154 -2.84 -10.44 -2.04
C MET A 154 -1.88 -11.16 -1.10
N ILE A 155 -1.62 -10.56 0.06
CA ILE A 155 -0.68 -11.09 1.05
C ILE A 155 -1.43 -11.49 2.31
N PHE A 156 -1.14 -12.70 2.79
CA PHE A 156 -1.72 -13.22 4.01
C PHE A 156 -0.61 -13.69 4.96
N SER A 157 -0.88 -13.56 6.24
N SER A 157 -0.82 -13.50 6.26
CA SER A 157 0.01 -14.03 7.28
CA SER A 157 0.07 -14.02 7.29
C SER A 157 -0.63 -15.19 8.04
C SER A 157 -0.61 -15.09 8.12
N TYR A 158 0.20 -16.05 8.63
CA TYR A 158 -0.30 -17.05 9.55
C TYR A 158 -0.84 -16.43 10.84
N ASN A 159 -0.52 -15.18 11.14
CA ASN A 159 -0.96 -14.50 12.37
C ASN A 159 -2.21 -13.63 12.18
N GLN A 160 -2.94 -13.84 11.10
CA GLN A 160 -4.28 -13.34 10.82
C GLN A 160 -4.27 -11.90 10.27
N ASP A 161 -3.12 -11.25 10.11
CA ASP A 161 -3.07 -9.99 9.38
C ASP A 161 -2.95 -10.26 7.88
N TYR A 162 -3.41 -9.30 7.08
CA TYR A 162 -3.39 -9.45 5.64
C TYR A 162 -3.28 -8.07 5.04
N SER A 163 -2.95 -8.03 3.76
CA SER A 163 -2.74 -6.80 3.02
C SER A 163 -3.16 -7.02 1.57
N LEU A 164 -4.10 -6.22 1.08
CA LEU A 164 -4.61 -6.40 -0.28
C LEU A 164 -4.48 -5.10 -1.07
N SER A 165 -3.98 -5.21 -2.31
CA SER A 165 -3.88 -3.99 -3.12
C SER A 165 -5.26 -3.53 -3.57
N ASN A 166 -6.20 -4.47 -3.70
CA ASN A 166 -7.58 -4.19 -4.07
C ASN A 166 -8.50 -4.81 -3.01
N GLU A 167 -9.11 -3.97 -2.18
CA GLU A 167 -9.95 -4.46 -1.09
C GLU A 167 -11.15 -5.25 -1.58
N SER A 168 -11.62 -4.98 -2.80
CA SER A 168 -12.78 -5.69 -3.34
C SER A 168 -12.43 -7.04 -3.95
N SER A 169 -11.16 -7.46 -3.89
CA SER A 169 -10.76 -8.75 -4.45
C SER A 169 -11.22 -9.93 -3.60
N LEU A 170 -11.57 -9.69 -2.35
CA LEU A 170 -12.03 -10.75 -1.47
C LEU A 170 -13.11 -10.23 -0.55
N ASP A 171 -14.22 -10.98 -0.46
CA ASP A 171 -15.22 -10.74 0.56
C ASP A 171 -14.71 -11.22 1.91
N GLU A 172 -15.44 -10.88 2.97
CA GLU A 172 -14.98 -11.26 4.30
C GLU A 172 -15.04 -12.78 4.49
N GLU A 173 -15.90 -13.47 3.74
CA GLU A 173 -16.02 -14.91 3.83
C GLU A 173 -14.90 -15.62 3.08
N GLY A 174 -14.38 -14.99 2.01
CA GLY A 174 -13.22 -15.52 1.34
C GLY A 174 -11.95 -15.33 2.15
N LYS A 175 -11.78 -14.13 2.75
CA LYS A 175 -10.69 -13.90 3.68
C LYS A 175 -10.71 -14.91 4.80
N GLY A 176 -11.89 -15.22 5.32
CA GLY A 176 -12.01 -16.12 6.44
C GLY A 176 -11.64 -17.53 6.07
N ARG A 177 -11.89 -17.94 4.83
CA ARG A 177 -11.48 -19.25 4.38
C ARG A 177 -9.96 -19.36 4.37
N VAL A 178 -9.29 -18.36 3.81
CA VAL A 178 -7.82 -18.36 3.73
C VAL A 178 -7.24 -18.27 5.11
N LEU A 179 -7.64 -17.27 5.88
CA LEU A 179 -6.97 -17.07 7.15
C LEU A 179 -7.23 -18.21 8.11
N SER A 180 -8.40 -18.84 8.03
CA SER A 180 -8.69 -19.90 8.99
C SER A 180 -7.86 -21.14 8.69
N ARG A 181 -7.63 -21.38 7.41
CA ARG A 181 -6.79 -22.49 6.99
C ARG A 181 -5.36 -22.27 7.50
N LEU A 182 -4.85 -21.05 7.39
CA LEU A 182 -3.50 -20.74 7.85
C LEU A 182 -3.41 -20.87 9.38
N THR A 183 -4.41 -20.33 10.11
CA THR A 183 -4.40 -20.45 11.56
C THR A 183 -4.37 -21.91 12.00
N GLU A 184 -5.16 -22.74 11.32
CA GLU A 184 -5.21 -24.15 11.69
C GLU A 184 -3.86 -24.83 11.45
N LEU A 185 -3.21 -24.53 10.30
CA LEU A 185 -1.91 -25.12 10.00
C LEU A 185 -0.85 -24.70 11.02
N GLN A 186 -0.84 -23.43 11.42
CA GLN A 186 0.14 -22.97 12.41
C GLN A 186 -0.06 -23.65 13.77
N ALA A 187 -1.31 -23.86 14.17
CA ALA A 187 -1.57 -24.51 15.43
C ALA A 187 -1.03 -25.93 15.42
N GLU A 188 -1.31 -26.66 14.34
CA GLU A 188 -0.79 -28.04 14.23
C GLU A 188 0.73 -28.07 14.19
N LEU A 189 1.34 -27.22 13.35
CA LEU A 189 2.81 -27.15 13.31
C LEU A 189 3.40 -26.84 14.67
N SER A 190 2.77 -25.90 15.42
CA SER A 190 3.25 -25.57 16.75
C SER A 190 3.24 -26.79 17.65
N LEU A 191 2.14 -27.56 17.62
CA LEU A 191 2.04 -28.75 18.48
C LEU A 191 3.13 -29.77 18.19
N LYS A 192 3.56 -29.85 16.93
CA LYS A 192 4.63 -30.77 16.54
C LYS A 192 6.03 -30.17 16.67
N ASN A 193 6.12 -28.95 17.20
CA ASN A 193 7.38 -28.21 17.27
C ASN A 193 8.04 -28.13 15.90
N LEU A 194 7.23 -27.93 14.87
CA LEU A 194 7.72 -27.67 13.53
C LEU A 194 7.63 -26.20 13.15
N TRP A 195 6.95 -25.39 13.96
CA TRP A 195 6.68 -24.00 13.59
C TRP A 195 7.93 -23.14 13.67
N GLN A 196 8.66 -23.23 14.78
CA GLN A 196 9.82 -22.36 14.97
C GLN A 196 10.88 -22.57 13.90
N VAL A 197 11.01 -23.79 13.36
CA VAL A 197 12.07 -24.07 12.42
C VAL A 197 11.64 -23.95 10.96
N LEU A 198 10.37 -23.63 10.69
CA LEU A 198 9.91 -23.49 9.31
C LEU A 198 10.44 -22.21 8.69
N ILE A 199 11.03 -22.32 7.50
CA ILE A 199 11.50 -21.15 6.76
C ILE A 199 10.36 -20.65 5.87
N GLY A 200 9.77 -19.53 6.25
CA GLY A 200 8.65 -19.00 5.52
C GLY A 200 9.02 -18.48 4.14
N GLU A 201 7.96 -18.26 3.37
CA GLU A 201 8.07 -17.75 2.00
C GLU A 201 8.83 -16.44 1.95
N GLU A 202 8.67 -15.59 2.96
CA GLU A 202 9.26 -14.26 2.96
C GLU A 202 10.77 -14.26 3.15
N ASP A 203 11.37 -15.40 3.51
CA ASP A 203 12.81 -15.49 3.68
C ASP A 203 13.49 -16.29 2.57
N VAL A 204 12.77 -16.60 1.50
CA VAL A 204 13.32 -17.35 0.38
C VAL A 204 13.74 -16.36 -0.72
N GLY B 1 13.47 4.75 28.01
CA GLY B 1 13.51 6.23 28.10
C GLY B 1 13.93 6.88 26.80
N ALA B 2 14.73 7.94 26.90
CA ALA B 2 15.04 8.74 25.72
C ALA B 2 15.73 7.92 24.64
N MET B 3 16.56 6.95 25.02
CA MET B 3 17.21 6.11 24.01
C MET B 3 16.18 5.35 23.22
N GLY B 4 15.03 5.03 23.83
CA GLY B 4 13.95 4.33 23.17
C GLY B 4 12.98 5.22 22.43
N SER B 5 13.24 6.53 22.39
CA SER B 5 12.30 7.46 21.76
C SER B 5 12.11 7.15 20.29
N GLY B 6 13.17 6.73 19.59
CA GLY B 6 13.05 6.39 18.18
C GLY B 6 12.17 5.20 17.92
N MET B 7 12.33 4.14 18.71
CA MET B 7 11.46 2.98 18.61
C MET B 7 10.01 3.32 18.92
N ALA B 8 9.78 4.07 20.02
CA ALA B 8 8.43 4.53 20.32
C ALA B 8 7.84 5.31 19.15
N MET B 9 8.64 6.15 18.47
CA MET B 9 8.08 6.88 17.32
C MET B 9 7.81 5.95 16.16
N ASP B 10 8.68 4.96 15.94
CA ASP B 10 8.43 3.98 14.90
C ASP B 10 7.08 3.30 15.12
N THR B 11 6.79 2.90 16.36
CA THR B 11 5.50 2.25 16.64
C THR B 11 4.34 3.21 16.45
N PHE B 12 4.55 4.43 16.90
CA PHE B 12 3.54 5.49 16.74
C PHE B 12 3.14 5.64 15.31
N ILE B 13 4.12 5.76 14.43
CA ILE B 13 3.83 5.92 13.00
C ILE B 13 3.03 4.75 12.46
N THR B 14 3.42 3.52 12.84
CA THR B 14 2.70 2.36 12.35
C THR B 14 1.23 2.37 12.79
N ARG B 15 0.95 2.85 13.98
CA ARG B 15 -0.41 2.80 14.48
C ARG B 15 -1.24 4.01 14.08
N ASN B 16 -0.64 5.09 13.56
CA ASN B 16 -1.37 6.34 13.34
C ASN B 16 -1.42 6.83 11.90
N PHE B 17 -0.72 6.20 10.99
CA PHE B 17 -0.78 6.60 9.58
C PHE B 17 -1.11 5.42 8.69
N GLN B 18 -1.77 5.74 7.57
CA GLN B 18 -2.00 4.75 6.52
C GLN B 18 -0.70 4.22 5.98
N THR B 19 -0.66 2.90 5.70
CA THR B 19 0.58 2.27 5.23
C THR B 19 1.08 2.93 3.94
N THR B 20 0.17 3.40 3.07
CA THR B 20 0.64 3.99 1.82
C THR B 20 1.33 5.32 2.08
N ILE B 21 0.80 6.07 3.05
CA ILE B 21 1.47 7.31 3.45
C ILE B 21 2.90 7.02 3.95
N ILE B 22 3.05 6.00 4.80
CA ILE B 22 4.36 5.70 5.38
C ILE B 22 5.38 5.35 4.31
N GLN B 23 4.99 4.48 3.37
CA GLN B 23 5.91 4.06 2.31
C GLN B 23 6.30 5.24 1.42
N LYS B 24 5.34 6.09 1.07
CA LYS B 24 5.71 7.30 0.32
C LYS B 24 6.70 8.14 1.10
N ALA B 25 6.48 8.33 2.40
CA ALA B 25 7.40 9.15 3.17
C ALA B 25 8.79 8.50 3.23
N LYS B 26 8.83 7.18 3.41
CA LYS B 26 10.12 6.49 3.39
C LYS B 26 10.81 6.64 2.03
N ASN B 27 10.06 6.47 0.94
CA ASN B 27 10.60 6.69 -0.39
C ASN B 27 11.19 8.08 -0.55
N THR B 28 10.46 9.12 -0.08
CA THR B 28 11.00 10.48 -0.12
C THR B 28 12.31 10.59 0.66
N MET B 29 12.38 9.97 1.83
CA MET B 29 13.61 10.14 2.61
C MET B 29 14.77 9.48 1.89
N ALA B 30 14.52 8.36 1.25
CA ALA B 30 15.55 7.69 0.46
C ALA B 30 16.07 8.62 -0.61
N GLU B 31 15.17 9.35 -1.31
CA GLU B 31 15.61 10.26 -2.35
C GLU B 31 16.54 11.33 -1.82
N PHE B 32 16.37 11.73 -0.55
CA PHE B 32 17.33 12.61 0.09
C PHE B 32 18.40 11.83 0.86
N SER B 33 18.51 10.51 0.61
CA SER B 33 19.43 9.62 1.34
C SER B 33 19.42 9.89 2.85
N GLU B 34 18.23 9.87 3.42
CA GLU B 34 18.03 9.95 4.87
C GLU B 34 17.52 8.60 5.36
N ASP B 35 17.98 8.19 6.55
CA ASP B 35 17.60 6.89 7.11
C ASP B 35 16.38 7.06 8.01
N PRO B 36 15.23 6.48 7.68
CA PRO B 36 14.06 6.66 8.55
C PRO B 36 14.26 6.17 9.97
N GLU B 37 15.07 5.12 10.17
CA GLU B 37 15.24 4.55 11.51
C GLU B 37 16.16 5.42 12.38
N LEU B 38 17.09 6.15 11.76
CA LEU B 38 17.97 7.05 12.49
C LEU B 38 17.40 8.45 12.67
N GLN B 39 16.40 8.82 11.87
CA GLN B 39 15.77 10.14 11.92
C GLN B 39 14.25 9.95 11.95
N PRO B 40 13.72 9.39 13.04
CA PRO B 40 12.29 9.07 13.08
C PRO B 40 11.42 10.32 13.15
N ALA B 41 11.95 11.41 13.71
CA ALA B 41 11.22 12.66 13.71
C ALA B 41 11.06 13.18 12.29
N MET B 42 12.04 12.94 11.44
N MET B 42 12.04 12.95 11.43
CA MET B 42 11.91 13.34 10.04
CA MET B 42 11.89 13.35 10.05
C MET B 42 10.85 12.50 9.34
C MET B 42 10.84 12.50 9.35
N LEU B 43 10.83 11.19 9.61
CA LEU B 43 9.77 10.33 9.08
C LEU B 43 8.39 10.82 9.51
N PHE B 44 8.24 11.12 10.82
CA PHE B 44 6.97 11.61 11.31
C PHE B 44 6.55 12.86 10.56
N ASN B 45 7.45 13.86 10.46
N ASN B 45 7.46 13.85 10.47
CA ASN B 45 7.07 15.13 9.85
CA ASN B 45 7.16 15.14 9.84
C ASN B 45 6.68 14.95 8.39
C ASN B 45 6.71 14.96 8.41
N THR B 46 7.35 14.04 7.71
CA THR B 46 7.06 13.79 6.30
C THR B 46 5.71 13.07 6.13
N CYS B 47 5.42 12.11 6.99
CA CYS B 47 4.10 11.49 7.01
C CYS B 47 3.01 12.54 7.20
N VAL B 48 3.17 13.42 8.19
CA VAL B 48 2.12 14.40 8.47
C VAL B 48 1.93 15.31 7.27
N HIS B 49 3.04 15.78 6.73
CA HIS B 49 2.98 16.70 5.58
C HIS B 49 2.31 16.05 4.37
N LEU B 50 2.65 14.81 4.07
CA LEU B 50 1.99 14.12 2.97
C LEU B 50 0.50 13.95 3.25
N GLU B 51 0.15 13.55 4.48
CA GLU B 51 -1.25 13.31 4.78
C GLU B 51 -2.09 14.58 4.59
N VAL B 52 -1.55 15.73 5.00
CA VAL B 52 -2.32 16.98 4.91
C VAL B 52 -2.54 17.36 3.44
N CYS B 53 -1.51 17.18 2.62
CA CYS B 53 -1.64 17.44 1.19
C CYS B 53 -2.76 16.60 0.60
N TYR B 54 -2.79 15.30 0.91
CA TYR B 54 -3.86 14.46 0.39
C TYR B 54 -5.23 14.84 0.97
N VAL B 55 -5.31 15.25 2.23
CA VAL B 55 -6.61 15.64 2.76
C VAL B 55 -7.15 16.85 2.01
N ILE B 56 -6.30 17.83 1.80
CA ILE B 56 -6.71 19.04 1.08
C ILE B 56 -7.20 18.67 -0.32
N SER B 57 -6.49 17.80 -1.02
N SER B 57 -6.48 17.81 -1.01
CA SER B 57 -6.88 17.47 -2.39
CA SER B 57 -6.87 17.47 -2.38
C SER B 57 -8.12 16.58 -2.41
C SER B 57 -8.13 16.60 -2.40
N ASP B 58 -8.20 15.60 -1.50
CA ASP B 58 -9.35 14.68 -1.50
C ASP B 58 -10.66 15.38 -1.11
N MET B 59 -10.59 16.57 -0.51
CA MET B 59 -11.78 17.24 -0.02
C MET B 59 -12.38 18.23 -1.01
N ASN B 60 -11.68 18.59 -2.10
CA ASN B 60 -12.07 19.75 -2.89
C ASN B 60 -12.12 19.44 -4.39
N PHE B 61 -13.19 19.88 -5.05
CA PHE B 61 -13.45 19.50 -6.44
C PHE B 61 -14.04 20.67 -7.21
N LEU B 62 -13.90 20.63 -8.54
CA LEU B 62 -14.44 21.64 -9.43
C LEU B 62 -15.35 20.97 -10.47
N ASP B 63 -16.41 21.67 -10.87
CA ASP B 63 -17.26 21.19 -11.97
C ASP B 63 -16.81 21.85 -13.27
N GLU B 64 -17.55 21.57 -14.36
CA GLU B 64 -17.14 22.06 -15.68
C GLU B 64 -17.15 23.58 -15.74
N GLU B 65 -18.05 24.23 -14.99
CA GLU B 65 -18.13 25.70 -14.96
C GLU B 65 -17.09 26.35 -14.05
N GLY B 66 -16.35 25.59 -13.27
CA GLY B 66 -15.40 26.15 -12.34
C GLY B 66 -15.90 26.38 -10.93
N LYS B 67 -17.07 25.84 -10.58
CA LYS B 67 -17.62 25.95 -9.23
C LYS B 67 -17.09 24.81 -8.37
N SER B 68 -16.95 25.08 -7.06
CA SER B 68 -16.22 24.18 -6.17
C SER B 68 -17.16 23.44 -5.23
N TYR B 69 -16.87 22.16 -5.05
CA TYR B 69 -17.65 21.26 -4.22
C TYR B 69 -16.74 20.50 -3.26
N THR B 70 -17.25 20.22 -2.06
CA THR B 70 -16.53 19.29 -1.20
C THR B 70 -16.88 17.85 -1.60
N ALA B 71 -16.06 16.92 -1.11
CA ALA B 71 -16.32 15.51 -1.37
C ALA B 71 -17.72 15.11 -0.88
N LEU B 72 -18.12 15.58 0.31
CA LEU B 72 -19.46 15.29 0.81
C LEU B 72 -20.54 15.91 -0.08
N GLU B 73 -20.45 17.21 -0.34
CA GLU B 73 -21.44 17.90 -1.16
C GLU B 73 -21.53 17.35 -2.59
N GLY B 74 -20.44 16.84 -3.14
CA GLY B 74 -20.41 16.43 -4.52
C GLY B 74 -20.60 14.95 -4.75
N GLN B 75 -20.69 14.15 -3.70
CA GLN B 75 -20.87 12.71 -3.85
C GLN B 75 -22.04 12.45 -4.78
N GLY B 76 -21.83 11.54 -5.72
CA GLY B 76 -22.80 11.20 -6.72
C GLY B 76 -22.52 11.83 -8.07
N LYS B 77 -21.86 12.98 -8.09
CA LYS B 77 -21.29 13.51 -9.33
C LYS B 77 -20.03 12.70 -9.71
N ASN B 80 -18.25 14.18 -13.58
CA ASN B 80 -18.62 15.59 -13.66
C ASN B 80 -17.86 16.47 -12.69
N LEU B 81 -16.94 15.85 -11.95
CA LEU B 81 -16.10 16.59 -11.01
C LEU B 81 -14.63 16.22 -11.20
N ARG B 82 -13.77 17.23 -11.10
CA ARG B 82 -12.33 17.06 -11.15
C ARG B 82 -11.70 17.64 -9.90
N PRO B 83 -10.56 17.13 -9.47
CA PRO B 83 -9.89 17.71 -8.29
C PRO B 83 -9.65 19.20 -8.50
N GLN B 84 -9.87 19.97 -7.45
CA GLN B 84 -9.41 21.34 -7.48
C GLN B 84 -7.88 21.43 -7.39
N TYR B 85 -7.22 20.40 -6.84
CA TYR B 85 -5.79 20.44 -6.58
C TYR B 85 -5.09 19.26 -7.24
N GLU B 86 -3.95 19.52 -7.84
CA GLU B 86 -3.01 18.47 -8.22
C GLU B 86 -1.99 18.32 -7.10
N VAL B 87 -1.78 17.08 -6.63
CA VAL B 87 -0.82 16.85 -5.55
C VAL B 87 0.52 16.57 -6.17
N ILE B 88 1.51 17.42 -5.89
CA ILE B 88 2.86 17.28 -6.42
C ILE B 88 3.76 16.57 -5.43
N GLU B 89 3.58 16.85 -4.13
CA GLU B 89 4.23 16.09 -3.06
C GLU B 89 3.85 14.60 -3.16
N GLY B 90 4.79 13.73 -2.81
CA GLY B 90 4.47 12.31 -2.74
C GLY B 90 4.62 11.52 -4.03
N MET B 91 4.96 12.16 -5.11
CA MET B 91 5.44 11.40 -6.26
C MET B 91 6.96 11.48 -6.31
N PRO B 92 7.62 10.55 -7.01
CA PRO B 92 9.08 10.66 -7.13
C PRO B 92 9.42 12.01 -7.72
N ARG B 93 10.48 12.62 -7.19
CA ARG B 93 10.71 14.02 -7.48
C ARG B 93 11.05 14.25 -8.93
N THR B 94 11.71 13.28 -9.59
N THR B 94 11.71 13.29 -9.60
CA THR B 94 12.00 13.42 -11.01
CA THR B 94 11.99 13.45 -11.02
C THR B 94 10.72 13.67 -11.80
C THR B 94 10.70 13.69 -11.79
N ILE B 95 9.67 12.90 -11.51
CA ILE B 95 8.38 13.12 -12.16
C ILE B 95 7.77 14.43 -11.67
N ALA B 96 7.89 14.72 -10.39
CA ALA B 96 7.26 15.92 -9.83
C ALA B 96 7.67 17.18 -10.57
N TRP B 97 8.97 17.34 -10.84
CA TRP B 97 9.44 18.56 -11.51
C TRP B 97 8.81 18.67 -12.89
N MET B 98 8.71 17.54 -13.60
CA MET B 98 8.12 17.55 -14.92
C MET B 98 6.64 17.93 -14.84
N VAL B 99 5.92 17.40 -13.85
CA VAL B 99 4.52 17.79 -13.66
C VAL B 99 4.43 19.27 -13.37
N GLN B 100 5.33 19.77 -12.53
CA GLN B 100 5.29 21.18 -12.16
C GLN B 100 5.48 22.06 -13.40
N ARG B 101 6.49 21.71 -14.20
CA ARG B 101 6.75 22.47 -15.42
C ARG B 101 5.56 22.40 -16.36
N SER B 102 5.00 21.20 -16.57
CA SER B 102 3.87 21.07 -17.47
C SER B 102 2.70 21.93 -16.99
N LEU B 103 2.36 21.85 -15.70
CA LEU B 103 1.28 22.68 -15.16
C LEU B 103 1.51 24.18 -15.36
N ALA B 104 2.72 24.66 -15.13
CA ALA B 104 2.98 26.08 -15.34
C ALA B 104 2.79 26.47 -16.83
N GLN B 105 3.35 25.66 -17.71
CA GLN B 105 3.27 25.95 -19.14
C GLN B 105 1.84 25.85 -19.64
N GLU B 106 1.11 24.82 -19.23
CA GLU B 106 -0.30 24.69 -19.59
C GLU B 106 -1.10 25.91 -19.19
N HIS B 107 -0.75 26.54 -18.06
CA HIS B 107 -1.58 27.64 -17.56
C HIS B 107 -1.00 29.01 -17.90
N GLY B 108 0.11 29.07 -18.61
CA GLY B 108 0.69 30.35 -19.01
C GLY B 108 1.20 31.18 -17.84
N ILE B 109 1.72 30.51 -16.81
CA ILE B 109 2.28 31.16 -15.63
C ILE B 109 3.75 30.75 -15.47
N GLU B 110 4.44 31.50 -14.62
CA GLU B 110 5.85 31.21 -14.36
C GLU B 110 5.99 29.88 -13.65
N THR B 111 7.10 29.18 -13.95
CA THR B 111 7.44 27.98 -13.22
C THR B 111 8.18 28.35 -11.97
N PRO B 112 7.74 27.93 -10.77
CA PRO B 112 8.48 28.29 -9.56
C PRO B 112 9.85 27.64 -9.60
N LYS B 113 10.81 28.34 -9.00
CA LYS B 113 12.15 27.78 -8.81
C LYS B 113 12.11 26.50 -7.99
N TYR B 114 11.49 26.54 -6.82
CA TYR B 114 11.42 25.38 -5.94
C TYR B 114 10.18 24.53 -6.21
N LEU B 115 10.21 23.28 -5.75
CA LEU B 115 9.16 22.32 -6.04
C LEU B 115 7.99 22.53 -5.08
N ALA B 116 6.80 22.77 -5.64
CA ALA B 116 5.62 23.02 -4.79
C ALA B 116 5.09 21.71 -4.22
N ASP B 117 4.10 21.85 -3.34
CA ASP B 117 3.34 20.75 -2.78
C ASP B 117 2.04 20.49 -3.52
N LEU B 118 1.31 21.56 -3.91
CA LEU B 118 0.07 21.41 -4.63
C LEU B 118 0.05 22.44 -5.75
N PHE B 119 -0.81 22.19 -6.71
CA PHE B 119 -1.24 23.18 -7.69
C PHE B 119 -2.75 23.40 -7.56
N ASP B 120 -3.17 24.65 -7.53
CA ASP B 120 -4.59 24.99 -7.37
C ASP B 120 -5.16 25.36 -8.73
N TYR B 121 -5.99 24.49 -9.26
CA TYR B 121 -6.60 24.71 -10.58
C TYR B 121 -7.57 25.88 -10.58
N LYS B 122 -8.13 26.27 -9.43
CA LYS B 122 -9.11 27.32 -9.38
C LYS B 122 -8.46 28.70 -9.53
N THR B 123 -7.38 28.94 -8.81
CA THR B 123 -6.68 30.20 -8.87
C THR B 123 -5.44 30.14 -9.75
N LYS B 124 -5.09 28.97 -10.27
CA LYS B 124 -3.90 28.81 -11.13
C LYS B 124 -2.63 29.23 -10.39
N ARG B 125 -2.47 28.71 -9.19
CA ARG B 125 -1.32 29.02 -8.37
C ARG B 125 -0.78 27.73 -7.77
N PHE B 126 0.53 27.70 -7.67
CA PHE B 126 1.24 26.66 -6.91
C PHE B 126 1.17 26.99 -5.42
N ILE B 127 1.19 25.93 -4.61
N ILE B 127 1.17 25.94 -4.60
CA ILE B 127 0.95 26.00 -3.17
CA ILE B 127 1.00 26.07 -3.17
C ILE B 127 2.11 25.31 -2.44
C ILE B 127 2.10 25.32 -2.44
N GLU B 128 2.60 25.92 -1.37
CA GLU B 128 3.50 25.28 -0.40
C GLU B 128 2.69 25.05 0.87
N VAL B 129 2.75 23.83 1.40
CA VAL B 129 2.02 23.44 2.60
C VAL B 129 3.08 23.31 3.69
N GLY B 130 2.80 23.87 4.84
CA GLY B 130 3.73 23.74 5.96
C GLY B 130 3.00 23.44 7.25
N ILE B 131 3.61 22.60 8.10
CA ILE B 131 3.01 22.21 9.36
C ILE B 131 4.01 22.55 10.46
N THR B 132 3.58 23.33 11.46
CA THR B 132 4.48 23.73 12.52
C THR B 132 4.00 23.36 13.92
N LYS B 133 4.97 22.95 14.74
CA LYS B 133 4.73 22.74 16.16
C LYS B 133 4.65 24.04 16.93
N GLY B 134 5.01 25.17 16.31
CA GLY B 134 4.83 26.49 16.91
C GLY B 134 3.61 27.23 16.37
N LEU B 135 3.78 28.53 16.10
CA LEU B 135 2.69 29.40 15.68
C LEU B 135 2.66 29.52 14.15
N ALA B 136 1.45 29.39 13.58
CA ALA B 136 1.33 29.35 12.13
C ALA B 136 1.80 30.68 11.51
N ASP B 137 1.51 31.80 12.16
CA ASP B 137 1.92 33.09 11.61
C ASP B 137 3.44 33.16 11.48
N ASP B 138 4.17 32.68 12.49
CA ASP B 138 5.62 32.79 12.48
C ASP B 138 6.22 32.00 11.34
N TYR B 139 5.75 30.77 11.16
CA TYR B 139 6.25 29.92 10.10
C TYR B 139 5.93 30.49 8.72
N PHE B 140 4.72 31.05 8.60
CA PHE B 140 4.27 31.67 7.34
C PHE B 140 5.23 32.77 6.90
N TRP B 141 5.59 33.66 7.81
CA TRP B 141 6.48 34.76 7.43
C TRP B 141 7.89 34.27 7.17
N LYS B 142 8.32 33.23 7.87
CA LYS B 142 9.61 32.63 7.52
C LYS B 142 9.56 32.13 6.08
N LYS B 143 8.55 31.32 5.75
CA LYS B 143 8.40 30.82 4.38
C LYS B 143 8.25 31.97 3.40
N LYS B 144 7.56 33.02 3.80
CA LYS B 144 7.33 34.15 2.89
C LYS B 144 8.65 34.82 2.53
N GLU B 145 9.65 34.85 3.43
CA GLU B 145 10.94 35.43 3.11
C GLU B 145 11.56 34.69 1.93
N LYS B 146 11.51 33.35 1.97
CA LYS B 146 12.18 32.52 0.98
C LYS B 146 11.43 32.50 -0.36
N LEU B 147 10.12 32.30 -0.33
CA LEU B 147 9.37 32.04 -1.54
C LEU B 147 8.80 33.30 -2.16
N GLY B 148 8.57 34.33 -1.36
CA GLY B 148 8.07 35.58 -1.88
C GLY B 148 6.68 35.47 -2.41
N ASN B 149 6.49 35.84 -3.67
CA ASN B 149 5.21 35.77 -4.36
C ASN B 149 5.15 34.60 -5.33
N SER B 150 6.15 33.70 -5.26
CA SER B 150 6.21 32.63 -6.22
C SER B 150 5.10 31.61 -6.00
N MET B 151 4.62 31.47 -4.76
CA MET B 151 3.66 30.43 -4.39
C MET B 151 2.74 30.96 -3.29
N GLU B 152 1.50 30.47 -3.28
CA GLU B 152 0.61 30.66 -2.14
C GLU B 152 1.09 29.76 -1.01
N LEU B 153 0.74 30.13 0.22
CA LEU B 153 1.14 29.36 1.41
C LEU B 153 -0.11 28.86 2.12
N MET B 154 -0.04 27.61 2.64
CA MET B 154 -1.10 27.08 3.51
C MET B 154 -0.37 26.51 4.71
N ILE B 155 -0.37 27.22 5.81
CA ILE B 155 0.38 26.85 7.01
C ILE B 155 -0.60 26.46 8.09
N PHE B 156 -0.34 25.33 8.73
CA PHE B 156 -1.17 24.81 9.79
C PHE B 156 -0.31 24.52 10.98
N SER B 157 -0.88 24.64 12.17
CA SER B 157 -0.13 24.22 13.35
C SER B 157 -0.86 23.14 14.12
N TYR B 158 -0.10 22.43 14.97
CA TYR B 158 -0.66 21.49 15.94
C TYR B 158 -1.36 22.19 17.10
N ASN B 159 -1.34 23.52 17.12
CA ASN B 159 -1.93 24.29 18.20
C ASN B 159 -3.17 25.07 17.76
N GLN B 160 -3.90 24.52 16.80
CA GLN B 160 -5.22 25.01 16.43
C GLN B 160 -5.17 26.43 15.84
N ASP B 161 -4.11 26.73 15.07
CA ASP B 161 -4.05 27.99 14.33
C ASP B 161 -3.57 27.68 12.92
N TYR B 162 -3.80 28.60 12.01
CA TYR B 162 -3.45 28.39 10.61
C TYR B 162 -3.33 29.77 9.98
N SER B 163 -2.63 29.82 8.87
CA SER B 163 -2.44 31.05 8.11
C SER B 163 -2.32 30.70 6.64
N LEU B 164 -3.25 31.20 5.83
CA LEU B 164 -3.24 30.97 4.39
C LEU B 164 -3.04 32.30 3.66
N SER B 165 -2.28 32.29 2.56
N SER B 165 -2.22 32.26 2.59
CA SER B 165 -2.08 33.53 1.84
CA SER B 165 -2.05 33.45 1.75
C SER B 165 -3.33 33.94 1.06
C SER B 165 -3.40 33.92 1.22
N ASN B 166 -4.20 32.98 0.74
CA ASN B 166 -5.54 33.25 0.22
C ASN B 166 -6.56 32.47 1.05
N GLU B 167 -7.16 33.13 2.06
CA GLU B 167 -8.07 32.46 2.98
C GLU B 167 -9.31 31.88 2.29
N SER B 168 -9.67 32.38 1.11
CA SER B 168 -10.76 31.81 0.32
C SER B 168 -10.41 30.51 -0.38
N SER B 169 -9.15 30.06 -0.30
CA SER B 169 -8.75 28.82 -0.97
C SER B 169 -9.36 27.58 -0.34
N LEU B 170 -9.76 27.64 0.92
CA LEU B 170 -10.37 26.52 1.62
C LEU B 170 -11.54 27.00 2.44
N ASP B 171 -12.63 26.24 2.45
CA ASP B 171 -13.75 26.64 3.27
C ASP B 171 -13.45 26.30 4.73
N GLU B 172 -14.33 26.77 5.62
CA GLU B 172 -14.09 26.59 7.04
C GLU B 172 -14.14 25.11 7.44
N GLU B 173 -15.00 24.33 6.78
CA GLU B 173 -15.03 22.90 7.04
C GLU B 173 -13.70 22.24 6.67
N GLY B 174 -13.12 22.61 5.54
CA GLY B 174 -11.85 22.02 5.14
C GLY B 174 -10.74 22.38 6.10
N LYS B 175 -10.69 23.65 6.51
CA LYS B 175 -9.66 24.08 7.44
C LYS B 175 -9.81 23.35 8.77
N GLY B 176 -11.04 23.24 9.26
CA GLY B 176 -11.26 22.47 10.47
C GLY B 176 -10.90 21.01 10.36
N ARG B 177 -11.08 20.42 9.18
CA ARG B 177 -10.71 19.01 8.99
C ARG B 177 -9.22 18.81 9.20
N VAL B 178 -8.39 19.68 8.59
CA VAL B 178 -6.96 19.64 8.83
C VAL B 178 -6.64 19.90 10.29
N LEU B 179 -7.21 20.96 10.88
CA LEU B 179 -6.83 21.30 12.25
C LEU B 179 -7.14 20.18 13.21
N SER B 180 -8.30 19.52 13.01
N SER B 180 -8.29 19.51 13.02
CA SER B 180 -8.75 18.46 13.90
CA SER B 180 -8.72 18.46 13.94
C SER B 180 -7.80 17.27 13.86
C SER B 180 -7.84 17.22 13.85
N ARG B 181 -7.26 16.97 12.68
CA ARG B 181 -6.38 15.84 12.54
C ARG B 181 -5.05 16.17 13.22
N LEU B 182 -4.63 17.43 13.15
CA LEU B 182 -3.37 17.80 13.76
C LEU B 182 -3.50 17.85 15.28
N THR B 183 -4.64 18.35 15.76
CA THR B 183 -4.91 18.38 17.22
C THR B 183 -4.93 16.97 17.78
N GLU B 184 -5.50 16.06 17.00
CA GLU B 184 -5.61 14.66 17.38
C GLU B 184 -4.23 14.01 17.43
N LEU B 185 -3.41 14.27 16.40
CA LEU B 185 -2.02 13.77 16.43
C LEU B 185 -1.25 14.34 17.64
N GLN B 186 -1.42 15.65 17.93
CA GLN B 186 -0.72 16.22 19.06
C GLN B 186 -1.06 15.49 20.38
N ALA B 187 -2.36 15.30 20.61
CA ALA B 187 -2.84 14.66 21.83
C ALA B 187 -2.33 13.24 21.92
N GLU B 188 -2.39 12.52 20.82
CA GLU B 188 -1.90 11.15 20.81
C GLU B 188 -0.40 11.09 21.06
N LEU B 189 0.37 12.04 20.49
CA LEU B 189 1.80 12.08 20.76
C LEU B 189 2.08 12.37 22.25
N SER B 190 1.31 13.28 22.83
CA SER B 190 1.45 13.55 24.26
C SER B 190 1.15 12.32 25.11
N LEU B 191 0.12 11.54 24.76
CA LEU B 191 -0.17 10.30 25.52
C LEU B 191 0.96 9.26 25.41
N LYS B 192 1.72 9.24 24.31
CA LYS B 192 2.88 8.34 24.22
C LYS B 192 4.18 9.00 24.65
N ASN B 193 4.09 10.17 25.26
CA ASN B 193 5.23 10.88 25.81
C ASN B 193 6.24 11.29 24.75
N LEU B 194 5.76 11.60 23.55
CA LEU B 194 6.64 11.96 22.45
C LEU B 194 6.55 13.43 22.08
N TRP B 195 5.41 14.07 22.37
CA TRP B 195 5.26 15.48 22.03
C TRP B 195 6.43 16.32 22.54
N GLN B 196 6.76 16.17 23.84
CA GLN B 196 7.72 17.08 24.45
C GLN B 196 9.12 16.86 23.94
N VAL B 197 9.40 15.66 23.41
CA VAL B 197 10.65 15.35 22.74
C VAL B 197 10.68 15.98 21.36
N LEU B 198 9.54 15.93 20.66
CA LEU B 198 9.44 16.44 19.28
C LEU B 198 9.65 17.94 19.27
N ILE B 199 9.08 18.63 20.26
CA ILE B 199 9.32 20.05 20.48
C ILE B 199 10.80 20.37 20.47
N GLY B 200 11.64 19.44 20.97
CA GLY B 200 13.08 19.65 21.09
C GLY B 200 13.90 19.28 19.87
N GLU B 201 13.27 18.74 18.85
CA GLU B 201 13.95 18.21 17.66
C GLU B 201 13.98 19.27 16.56
N GLU B 202 15.18 19.59 16.07
CA GLU B 202 15.32 20.59 15.01
C GLU B 202 14.67 20.13 13.71
N ASP B 203 14.62 18.81 13.45
CA ASP B 203 14.00 18.29 12.25
C ASP B 203 12.48 18.47 12.21
N VAL B 204 11.87 18.91 13.29
CA VAL B 204 10.42 19.02 13.37
C VAL B 204 10.08 20.48 13.07
N GLU B 205 9.77 20.72 11.80
CA GLU B 205 9.19 21.98 11.31
C GLU B 205 9.19 21.90 9.79
#